data_1FZY
#
_entry.id   1FZY
#
_cell.length_a   42.166
_cell.length_b   47.471
_cell.length_c   75.776
_cell.angle_alpha   90.00
_cell.angle_beta   92.62
_cell.angle_gamma   90.00
#
_symmetry.space_group_name_H-M   'P 1 21 1'
#
loop_
_entity.id
_entity.type
_entity.pdbx_description
1 polymer 'UBIQUITIN-CONJUGATING ENZYME E2-24 KDA'
2 water water
#
_entity_poly.entity_id   1
_entity_poly.type   'polypeptide(L)'
_entity_poly.pdbx_seq_one_letter_code
;SRAKRIMKEIQAVKDDPAAHITLEFVSESDIHHLKGTFLGPPGTPYEGGKFVVDIEVPMEYPFKPPKMQFDTKVYHPNIS
SVTGAICLDILKNAWSPVITLKSALISLQALLQSPEPNDPQDAEVAQHYLRDRESFNKTAALWTRLYAS
;
_entity_poly.pdbx_strand_id   A,B
#
# COMPACT_ATOMS: atom_id res chain seq x y z
N SER A 1 22.26 2.67 -11.29
CA SER A 1 21.15 1.67 -11.27
C SER A 1 20.50 1.58 -9.90
N ARG A 2 19.22 1.95 -9.85
CA ARG A 2 18.39 1.75 -8.67
C ARG A 2 18.43 0.30 -8.17
N ALA A 3 18.24 -0.66 -9.08
CA ALA A 3 18.18 -2.08 -8.72
C ALA A 3 19.48 -2.60 -8.14
N LYS A 4 20.60 -2.21 -8.74
CA LYS A 4 21.89 -2.63 -8.25
C LYS A 4 22.12 -2.08 -6.84
N ARG A 5 21.74 -0.82 -6.63
CA ARG A 5 21.86 -0.15 -5.34
C ARG A 5 21.07 -0.90 -4.27
N ILE A 6 19.79 -1.15 -4.56
CA ILE A 6 18.88 -1.80 -3.65
C ILE A 6 19.34 -3.19 -3.24
N MET A 7 19.76 -4.03 -4.18
CA MET A 7 20.21 -5.35 -3.79
C MET A 7 21.46 -5.30 -2.88
N LYS A 8 22.36 -4.35 -3.14
CA LYS A 8 23.50 -4.13 -2.23
C LYS A 8 23.04 -3.75 -0.84
N GLU A 9 22.08 -2.84 -0.79
CA GLU A 9 21.53 -2.40 0.48
C GLU A 9 20.84 -3.52 1.23
N ILE A 10 20.02 -4.31 0.53
CA ILE A 10 19.40 -5.50 1.14
C ILE A 10 20.43 -6.40 1.82
N GLN A 11 21.58 -6.60 1.18
CA GLN A 11 22.60 -7.50 1.73
C GLN A 11 23.27 -6.89 2.94
N ALA A 12 23.56 -5.59 2.84
CA ALA A 12 24.15 -4.85 3.96
C ALA A 12 23.31 -4.93 5.24
N VAL A 13 21.98 -4.87 5.08
CA VAL A 13 21.08 -4.97 6.22
C VAL A 13 20.95 -6.41 6.70
N LYS A 14 20.80 -7.35 5.77
CA LYS A 14 20.65 -8.75 6.15
C LYS A 14 21.87 -9.29 6.90
N ASP A 15 23.06 -8.82 6.55
CA ASP A 15 24.28 -9.29 7.21
C ASP A 15 24.57 -8.67 8.57
N ASP A 16 23.76 -7.69 8.98
CA ASP A 16 23.97 -6.98 10.24
C ASP A 16 22.67 -6.93 11.08
N PRO A 17 22.12 -8.11 11.44
CA PRO A 17 20.90 -8.27 12.24
C PRO A 17 20.90 -7.57 13.59
N ALA A 18 22.07 -7.46 14.20
CA ALA A 18 22.17 -6.92 15.54
C ALA A 18 21.87 -5.43 15.54
N ALA A 19 21.87 -4.80 14.37
CA ALA A 19 21.50 -3.39 14.26
C ALA A 19 19.99 -3.22 14.40
N HIS A 20 19.26 -4.33 14.28
CA HIS A 20 17.84 -4.33 14.55
C HIS A 20 17.05 -3.54 13.52
N ILE A 21 17.62 -3.46 12.33
CA ILE A 21 16.95 -2.90 11.17
C ILE A 21 16.61 -4.06 10.24
N THR A 22 15.44 -4.05 9.61
CA THR A 22 15.13 -5.03 8.56
C THR A 22 14.68 -4.31 7.29
N LEU A 23 14.91 -4.97 6.16
CA LEU A 23 14.62 -4.41 4.86
C LEU A 23 14.17 -5.56 3.98
N GLU A 24 12.95 -5.48 3.46
CA GLU A 24 12.37 -6.57 2.68
C GLU A 24 11.52 -6.00 1.55
N PHE A 25 11.50 -6.69 0.42
CA PHE A 25 10.59 -6.30 -0.66
C PHE A 25 9.17 -6.65 -0.25
N VAL A 26 8.22 -5.84 -0.67
CA VAL A 26 6.81 -6.12 -0.42
C VAL A 26 6.35 -7.33 -1.23
N SER A 27 6.68 -7.36 -2.53
CA SER A 27 6.30 -8.47 -3.38
C SER A 27 7.42 -8.95 -4.31
N GLU A 28 7.11 -9.96 -5.11
CA GLU A 28 8.11 -10.55 -5.99
C GLU A 28 7.98 -9.89 -7.35
N SER A 29 7.12 -8.88 -7.42
CA SER A 29 6.77 -8.32 -8.72
C SER A 29 7.66 -7.13 -9.03
N ASP A 30 8.31 -6.57 -8.01
CA ASP A 30 9.23 -5.46 -8.22
C ASP A 30 10.22 -5.33 -7.07
N ILE A 31 11.20 -4.44 -7.25
CA ILE A 31 12.21 -4.21 -6.23
C ILE A 31 12.22 -2.78 -5.71
N HIS A 32 11.18 -2.02 -6.02
CA HIS A 32 11.14 -0.64 -5.56
C HIS A 32 10.16 -0.39 -4.41
N HIS A 33 9.35 -1.40 -4.07
CA HIS A 33 8.53 -1.36 -2.84
C HIS A 33 9.15 -2.21 -1.75
N LEU A 34 9.43 -1.62 -0.60
CA LEU A 34 9.98 -2.41 0.51
C LEU A 34 9.33 -2.02 1.83
N LYS A 35 9.48 -2.90 2.81
CA LYS A 35 9.16 -2.55 4.19
C LYS A 35 10.45 -2.49 5.00
N GLY A 36 10.63 -1.39 5.71
CA GLY A 36 11.73 -1.34 6.66
C GLY A 36 11.15 -1.41 8.05
N THR A 37 11.88 -1.99 9.00
CA THR A 37 11.46 -1.90 10.39
C THR A 37 12.67 -1.60 11.27
N PHE A 38 12.42 -1.00 12.42
CA PHE A 38 13.45 -0.80 13.42
C PHE A 38 12.78 -0.93 14.79
N LEU A 39 13.57 -1.20 15.82
CA LEU A 39 13.04 -1.33 17.17
C LEU A 39 13.08 0.02 17.90
N GLY A 40 12.13 0.23 18.80
CA GLY A 40 12.11 1.46 19.56
C GLY A 40 13.38 1.63 20.35
N PRO A 41 13.88 2.86 20.50
CA PRO A 41 15.12 3.09 21.26
C PRO A 41 14.90 2.75 22.74
N PRO A 42 15.82 2.02 23.36
CA PRO A 42 15.64 1.69 24.77
C PRO A 42 15.79 2.93 25.62
N GLY A 43 15.14 2.95 26.79
CA GLY A 43 15.19 4.09 27.70
C GLY A 43 14.26 5.21 27.26
N THR A 44 13.35 4.85 26.37
CA THR A 44 12.52 5.80 25.67
C THR A 44 11.08 5.30 25.76
N PRO A 45 10.09 6.19 25.62
CA PRO A 45 8.69 5.71 25.69
C PRO A 45 8.41 4.62 24.62
N TYR A 46 9.29 4.54 23.62
CA TYR A 46 9.05 3.64 22.51
C TYR A 46 9.78 2.31 22.64
N GLU A 47 10.38 2.09 23.82
CA GLU A 47 11.18 0.88 24.04
C GLU A 47 10.23 -0.32 24.00
N GLY A 48 10.66 -1.36 23.30
CA GLY A 48 9.85 -2.57 23.20
C GLY A 48 8.99 -2.60 21.95
N GLY A 49 8.94 -1.47 21.24
CA GLY A 49 8.15 -1.40 20.04
C GLY A 49 8.91 -1.80 18.78
N LYS A 50 8.18 -2.35 17.82
CA LYS A 50 8.74 -2.61 16.50
C LYS A 50 7.96 -1.77 15.50
N PHE A 51 8.69 -0.91 14.82
CA PHE A 51 8.10 0.06 13.94
C PHE A 51 8.32 -0.26 12.46
N VAL A 52 7.22 -0.25 11.70
CA VAL A 52 7.23 -0.68 10.32
C VAL A 52 7.02 0.53 9.43
N VAL A 53 7.86 0.67 8.41
CA VAL A 53 7.87 1.84 7.54
C VAL A 53 7.75 1.36 6.13
N ASP A 54 6.72 1.84 5.42
CA ASP A 54 6.54 1.61 4.00
C ASP A 54 7.56 2.43 3.20
N ILE A 55 8.25 1.80 2.26
CA ILE A 55 9.25 2.48 1.44
C ILE A 55 8.96 2.29 -0.04
N GLU A 56 9.00 3.39 -0.79
CA GLU A 56 8.96 3.38 -2.24
C GLU A 56 10.17 4.14 -2.76
N VAL A 57 11.04 3.46 -3.50
CA VAL A 57 12.23 4.12 -4.03
C VAL A 57 11.92 4.58 -5.45
N PRO A 58 12.22 5.85 -5.76
CA PRO A 58 11.98 6.42 -7.09
C PRO A 58 12.98 5.98 -8.11
N MET A 59 12.61 6.09 -9.38
CA MET A 59 13.51 5.73 -10.47
C MET A 59 14.91 6.34 -10.29
N GLU A 60 14.97 7.59 -9.86
CA GLU A 60 16.25 8.29 -9.70
C GLU A 60 17.07 7.93 -8.47
N TYR A 61 16.53 7.11 -7.57
CA TYR A 61 17.28 6.68 -6.39
C TYR A 61 18.64 6.15 -6.85
N PRO A 62 19.72 6.45 -6.10
CA PRO A 62 19.84 7.22 -4.87
C PRO A 62 19.94 8.74 -4.95
N PHE A 63 19.72 9.32 -6.13
CA PHE A 63 19.90 10.76 -6.27
C PHE A 63 18.60 11.52 -5.96
N LYS A 64 17.54 10.76 -5.76
CA LYS A 64 16.31 11.28 -5.17
C LYS A 64 15.96 10.44 -3.95
N PRO A 65 15.39 11.08 -2.92
CA PRO A 65 15.02 10.36 -1.69
C PRO A 65 13.91 9.34 -1.85
N PRO A 66 13.92 8.30 -1.01
CA PRO A 66 12.87 7.28 -1.10
C PRO A 66 11.64 7.92 -0.44
N LYS A 67 10.44 7.42 -0.74
CA LYS A 67 9.23 7.93 -0.09
C LYS A 67 8.97 7.00 1.07
N MET A 68 9.00 7.53 2.28
CA MET A 68 8.82 6.72 3.47
C MET A 68 7.64 7.24 4.28
N GLN A 69 6.82 6.33 4.76
CA GLN A 69 5.75 6.69 5.67
C GLN A 69 5.48 5.51 6.60
N PHE A 70 5.27 5.79 7.88
CA PHE A 70 5.01 4.72 8.85
C PHE A 70 3.76 3.92 8.57
N ASP A 71 3.89 2.60 8.65
CA ASP A 71 2.70 1.74 8.70
C ASP A 71 2.20 1.65 10.14
N THR A 72 3.13 1.59 11.08
CA THR A 72 2.76 1.55 12.50
C THR A 72 2.15 2.88 12.92
N LYS A 73 1.08 2.82 13.70
CA LYS A 73 0.48 4.02 14.26
C LYS A 73 1.33 4.44 15.45
N VAL A 74 1.92 5.63 15.33
CA VAL A 74 2.86 6.13 16.33
C VAL A 74 2.42 7.49 16.86
N TYR A 75 2.63 7.73 18.15
CA TYR A 75 2.33 9.02 18.75
C TYR A 75 3.64 9.81 18.86
N HIS A 76 3.85 10.77 17.96
CA HIS A 76 5.13 11.48 17.87
C HIS A 76 4.92 12.77 17.08
N PRO A 77 5.60 13.86 17.49
CA PRO A 77 5.50 15.18 16.84
C PRO A 77 5.74 15.21 15.33
N ASN A 78 6.60 14.31 14.83
CA ASN A 78 7.02 14.36 13.43
C ASN A 78 6.45 13.26 12.57
N ILE A 79 5.52 12.51 13.14
CA ILE A 79 4.88 11.42 12.43
C ILE A 79 3.36 11.56 12.56
N SER A 80 2.65 11.49 11.43
CA SER A 80 1.20 11.52 11.45
C SER A 80 0.63 10.17 11.86
N SER A 81 -0.18 10.18 12.90
CA SER A 81 -0.78 8.96 13.40
C SER A 81 -1.91 8.51 12.47
N VAL A 82 -2.22 9.33 11.47
CA VAL A 82 -3.29 8.99 10.54
C VAL A 82 -2.72 8.52 9.21
N THR A 83 -1.77 9.26 8.64
CA THR A 83 -1.21 8.93 7.33
C THR A 83 0.16 8.24 7.42
N GLY A 84 0.79 8.31 8.59
CA GLY A 84 2.13 7.78 8.76
C GLY A 84 3.16 8.72 8.15
N ALA A 85 2.71 9.87 7.70
CA ALA A 85 3.61 10.81 7.01
C ALA A 85 4.68 11.31 7.99
N ILE A 86 5.88 11.57 7.47
CA ILE A 86 7.05 11.91 8.30
C ILE A 86 7.56 13.32 7.98
N CYS A 87 7.94 14.05 9.02
CA CYS A 87 8.55 15.35 8.82
C CYS A 87 10.03 15.24 9.26
N LEU A 88 10.93 15.10 8.28
CA LEU A 88 12.34 14.81 8.53
C LEU A 88 13.13 15.33 7.33
N ASP A 89 14.13 16.17 7.58
CA ASP A 89 14.82 16.85 6.49
C ASP A 89 15.40 15.93 5.43
N ILE A 90 16.04 14.83 5.83
CA ILE A 90 16.72 14.01 4.82
C ILE A 90 15.75 13.41 3.83
N LEU A 91 14.48 13.33 4.21
CA LEU A 91 13.44 12.76 3.37
C LEU A 91 12.89 13.83 2.42
N LYS A 92 13.19 15.08 2.73
CA LYS A 92 12.73 16.18 1.88
C LYS A 92 13.94 16.87 1.28
N ASN A 93 14.41 17.92 1.95
CA ASN A 93 15.41 18.77 1.35
C ASN A 93 16.88 18.44 1.63
N ALA A 94 17.16 17.57 2.59
CA ALA A 94 18.56 17.25 2.91
C ALA A 94 18.99 15.87 2.43
N TRP A 95 18.35 15.34 1.39
CA TRP A 95 18.76 14.03 0.89
C TRP A 95 20.12 14.07 0.21
N SER A 96 20.85 12.98 0.33
CA SER A 96 22.16 12.82 -0.31
C SER A 96 22.31 11.40 -0.84
N PRO A 97 22.87 11.25 -2.05
CA PRO A 97 23.07 9.94 -2.67
C PRO A 97 23.86 8.95 -1.80
N VAL A 98 24.58 9.45 -0.80
CA VAL A 98 25.39 8.56 0.06
C VAL A 98 24.52 7.89 1.12
N ILE A 99 23.37 8.51 1.41
CA ILE A 99 22.44 7.97 2.39
C ILE A 99 21.77 6.69 1.86
N THR A 100 21.63 5.70 2.74
CA THR A 100 21.04 4.41 2.41
C THR A 100 19.68 4.27 3.08
N LEU A 101 18.94 3.22 2.76
CA LEU A 101 17.65 3.02 3.40
C LEU A 101 17.85 2.63 4.85
N LYS A 102 18.92 1.89 5.11
CA LYS A 102 19.28 1.50 6.47
C LYS A 102 19.59 2.71 7.31
N SER A 103 20.42 3.60 6.76
CA SER A 103 20.75 4.85 7.37
C SER A 103 19.49 5.66 7.67
N ALA A 104 18.60 5.77 6.68
CA ALA A 104 17.36 6.51 6.87
C ALA A 104 16.55 5.91 8.03
N LEU A 105 16.45 4.57 8.04
CA LEU A 105 15.73 3.84 9.10
C LEU A 105 16.35 4.10 10.47
N ILE A 106 17.69 4.17 10.52
CA ILE A 106 18.37 4.50 11.76
C ILE A 106 18.07 5.94 12.15
N SER A 107 17.96 6.84 11.18
CA SER A 107 17.59 8.22 11.46
C SER A 107 16.17 8.34 12.01
N LEU A 108 15.28 7.46 11.53
CA LEU A 108 13.91 7.43 12.03
C LEU A 108 13.84 6.92 13.46
N GLN A 109 14.73 5.98 13.79
CA GLN A 109 14.85 5.49 15.16
C GLN A 109 15.41 6.60 16.05
N ALA A 110 16.35 7.37 15.51
CA ALA A 110 16.93 8.50 16.24
C ALA A 110 15.91 9.63 16.42
N LEU A 111 14.92 9.68 15.52
CA LEU A 111 13.85 10.65 15.60
C LEU A 111 12.89 10.34 16.75
N LEU A 112 12.67 9.05 17.02
CA LEU A 112 11.89 8.62 18.17
C LEU A 112 12.59 8.99 19.47
N GLN A 113 13.90 8.85 19.47
CA GLN A 113 14.71 9.16 20.65
C GLN A 113 14.84 10.65 20.91
N SER A 114 14.80 11.44 19.83
CA SER A 114 14.98 12.87 19.93
C SER A 114 13.98 13.58 19.03
N PRO A 115 12.74 13.68 19.49
CA PRO A 115 11.66 14.34 18.72
C PRO A 115 12.04 15.76 18.28
N GLU A 116 11.53 16.18 17.13
CA GLU A 116 11.78 17.54 16.61
C GLU A 116 10.48 18.31 16.52
N PRO A 117 10.00 18.81 17.66
CA PRO A 117 8.75 19.56 17.70
C PRO A 117 8.78 20.88 16.95
N ASN A 118 9.98 21.38 16.66
CA ASN A 118 10.11 22.68 15.99
C ASN A 118 9.77 22.62 14.49
N ASP A 119 9.63 21.42 13.97
CA ASP A 119 9.12 21.22 12.62
C ASP A 119 8.23 19.97 12.68
N PRO A 120 7.02 20.13 13.23
CA PRO A 120 6.03 19.09 13.40
C PRO A 120 5.29 18.65 12.16
N GLN A 121 4.90 17.39 12.16
CA GLN A 121 3.97 16.84 11.19
C GLN A 121 2.59 17.09 11.78
N ASP A 122 2.48 16.80 13.08
CA ASP A 122 1.23 16.96 13.79
C ASP A 122 1.40 18.07 14.83
N ALA A 123 0.83 19.23 14.55
CA ALA A 123 1.02 20.39 15.40
C ALA A 123 0.56 20.18 16.85
N GLU A 124 -0.55 19.46 17.03
CA GLU A 124 -1.10 19.26 18.36
C GLU A 124 -0.18 18.36 19.17
N VAL A 125 0.33 17.32 18.54
CA VAL A 125 1.23 16.40 19.23
C VAL A 125 2.54 17.08 19.60
N ALA A 126 3.02 17.98 18.74
CA ALA A 126 4.21 18.77 19.05
C ALA A 126 3.96 19.70 20.22
N GLN A 127 2.74 20.23 20.27
CA GLN A 127 2.30 21.15 21.31
C GLN A 127 2.23 20.35 22.62
N HIS A 128 1.67 19.15 22.55
CA HIS A 128 1.58 18.25 23.71
C HIS A 128 2.96 17.93 24.26
N TYR A 129 3.86 17.54 23.37
CA TYR A 129 5.25 17.22 23.73
C TYR A 129 5.90 18.36 24.53
N LEU A 130 5.72 19.59 24.06
CA LEU A 130 6.29 20.75 24.74
C LEU A 130 5.56 21.12 26.03
N ARG A 131 4.23 21.16 25.96
CA ARG A 131 3.40 21.62 27.07
C ARG A 131 3.44 20.71 28.28
N ASP A 132 3.41 19.39 28.05
CA ASP A 132 3.33 18.43 29.15
C ASP A 132 4.07 17.14 28.76
N ARG A 133 5.40 17.15 28.89
CA ARG A 133 6.23 16.03 28.47
C ARG A 133 5.79 14.73 29.11
N GLU A 134 5.59 14.77 30.43
CA GLU A 134 5.31 13.58 31.23
C GLU A 134 4.10 12.87 30.63
N SER A 135 3.08 13.67 30.36
CA SER A 135 1.85 13.17 29.77
C SER A 135 2.07 12.69 28.33
N PHE A 136 2.84 13.44 27.55
CA PHE A 136 3.23 12.97 26.22
C PHE A 136 3.81 11.57 26.30
N ASN A 137 4.84 11.38 27.12
CA ASN A 137 5.54 10.10 27.22
C ASN A 137 4.61 8.92 27.57
N LYS A 138 3.70 9.13 28.51
CA LYS A 138 2.75 8.08 28.86
C LYS A 138 1.92 7.67 27.65
N THR A 139 1.58 8.63 26.79
CA THR A 139 0.76 8.34 25.61
C THR A 139 1.57 7.57 24.58
N ALA A 140 2.77 8.07 24.31
CA ALA A 140 3.69 7.45 23.37
C ALA A 140 3.95 6.00 23.76
N ALA A 141 4.21 5.78 25.05
CA ALA A 141 4.45 4.43 25.57
C ALA A 141 3.22 3.52 25.49
N LEU A 142 2.03 4.04 25.80
CA LEU A 142 0.81 3.27 25.62
C LEU A 142 0.60 2.86 24.15
N TRP A 143 0.75 3.83 23.26
CA TRP A 143 0.63 3.58 21.82
C TRP A 143 1.66 2.59 21.32
N THR A 144 2.83 2.56 21.95
CA THR A 144 3.85 1.57 21.59
C THR A 144 3.38 0.17 21.97
N ARG A 145 2.77 0.07 23.15
CA ARG A 145 2.15 -1.17 23.60
C ARG A 145 0.96 -1.58 22.72
N LEU A 146 0.14 -0.60 22.33
CA LEU A 146 -1.05 -0.91 21.53
C LEU A 146 -0.75 -1.24 20.05
N TYR A 147 0.11 -0.43 19.43
CA TYR A 147 0.24 -0.42 17.99
C TYR A 147 1.57 -0.90 17.43
N ALA A 148 2.56 -1.03 18.31
CA ALA A 148 3.88 -1.45 17.89
C ALA A 148 4.30 -2.76 18.59
N SER A 149 3.32 -3.57 18.98
CA SER A 149 3.63 -4.87 19.56
C SER A 149 3.83 -5.92 18.48
N SER B 1 -10.14 -20.37 -31.38
CA SER B 1 -10.97 -21.01 -30.35
C SER B 1 -11.18 -20.11 -29.17
N ARG B 2 -12.47 -19.91 -28.91
CA ARG B 2 -12.85 -19.14 -27.77
C ARG B 2 -12.57 -19.83 -26.43
N ALA B 3 -12.75 -21.14 -26.37
CA ALA B 3 -12.50 -21.96 -25.18
C ALA B 3 -10.99 -22.03 -24.94
N LYS B 4 -10.24 -22.04 -26.03
CA LYS B 4 -8.80 -22.09 -25.91
C LYS B 4 -8.30 -20.84 -25.20
N ARG B 5 -8.74 -19.68 -25.68
CA ARG B 5 -8.35 -18.39 -25.11
C ARG B 5 -8.65 -18.35 -23.62
N ILE B 6 -9.83 -18.79 -23.23
CA ILE B 6 -10.18 -18.82 -21.82
C ILE B 6 -9.25 -19.68 -20.94
N MET B 7 -8.98 -20.91 -21.35
CA MET B 7 -8.05 -21.78 -20.63
C MET B 7 -6.67 -21.11 -20.54
N LYS B 8 -6.25 -20.49 -21.64
CA LYS B 8 -5.01 -19.75 -21.67
C LYS B 8 -5.01 -18.61 -20.64
N GLU B 9 -6.17 -18.00 -20.38
CA GLU B 9 -6.26 -16.97 -19.33
C GLU B 9 -5.83 -17.56 -17.97
N ILE B 10 -6.34 -18.76 -17.68
CA ILE B 10 -6.00 -19.48 -16.45
C ILE B 10 -4.50 -19.79 -16.40
N GLN B 11 -3.93 -20.23 -17.53
CA GLN B 11 -2.51 -20.58 -17.56
C GLN B 11 -1.65 -19.33 -17.37
N ALA B 12 -2.10 -18.22 -17.95
CA ALA B 12 -1.39 -16.95 -17.87
C ALA B 12 -1.18 -16.48 -16.42
N VAL B 13 -2.21 -16.65 -15.60
CA VAL B 13 -2.10 -16.36 -14.17
C VAL B 13 -1.15 -17.32 -13.45
N LYS B 14 -1.19 -18.60 -13.79
CA LYS B 14 -0.28 -19.56 -13.18
C LYS B 14 1.16 -19.33 -13.58
N ASP B 15 1.38 -18.83 -14.79
CA ASP B 15 2.73 -18.60 -15.29
C ASP B 15 3.39 -17.37 -14.68
N ASP B 16 2.60 -16.55 -13.99
CA ASP B 16 3.14 -15.33 -13.41
C ASP B 16 2.89 -15.33 -11.91
N PRO B 17 3.56 -16.23 -11.16
CA PRO B 17 3.38 -16.30 -9.71
C PRO B 17 3.68 -15.02 -8.92
N ALA B 18 4.63 -14.23 -9.39
CA ALA B 18 4.98 -12.98 -8.70
C ALA B 18 3.84 -11.96 -8.65
N ALA B 19 2.88 -12.08 -9.57
CA ALA B 19 1.76 -11.13 -9.64
C ALA B 19 0.79 -11.36 -8.51
N HIS B 20 0.81 -12.56 -7.93
CA HIS B 20 -0.10 -12.86 -6.84
C HIS B 20 -1.56 -12.71 -7.25
N ILE B 21 -1.90 -13.14 -8.46
CA ILE B 21 -3.27 -13.14 -8.97
C ILE B 21 -3.79 -14.57 -9.00
N THR B 22 -5.08 -14.75 -8.71
CA THR B 22 -5.68 -16.07 -8.89
C THR B 22 -6.90 -15.93 -9.79
N LEU B 23 -7.10 -16.92 -10.64
CA LEU B 23 -8.26 -16.94 -11.51
C LEU B 23 -8.87 -18.34 -11.44
N GLU B 24 -10.15 -18.42 -11.10
CA GLU B 24 -10.78 -19.72 -10.96
C GLU B 24 -12.15 -19.77 -11.62
N PHE B 25 -12.51 -20.94 -12.14
CA PHE B 25 -13.87 -21.11 -12.65
C PHE B 25 -14.80 -21.20 -11.46
N VAL B 26 -16.03 -20.73 -11.65
CA VAL B 26 -17.01 -20.65 -10.57
C VAL B 26 -17.86 -21.92 -10.44
N SER B 27 -18.46 -22.35 -11.54
CA SER B 27 -19.30 -23.54 -11.43
C SER B 27 -19.16 -24.59 -12.54
N GLU B 28 -19.88 -25.70 -12.36
CA GLU B 28 -19.48 -27.01 -12.89
C GLU B 28 -19.37 -27.01 -14.43
N SER B 29 -20.29 -26.43 -15.17
CA SER B 29 -20.16 -26.54 -16.64
C SER B 29 -20.00 -25.20 -17.33
N ASP B 30 -19.81 -24.17 -16.51
CA ASP B 30 -19.67 -22.81 -17.04
C ASP B 30 -18.22 -22.43 -17.33
N ILE B 31 -17.91 -22.13 -18.58
CA ILE B 31 -16.54 -21.76 -18.95
C ILE B 31 -16.34 -20.24 -18.99
N HIS B 32 -17.45 -19.51 -19.10
CA HIS B 32 -17.41 -18.05 -19.17
C HIS B 32 -17.55 -17.30 -17.84
N HIS B 33 -17.80 -18.01 -16.74
CA HIS B 33 -17.96 -17.35 -15.44
C HIS B 33 -16.79 -17.67 -14.52
N LEU B 34 -15.99 -16.66 -14.18
CA LEU B 34 -14.85 -16.88 -13.30
C LEU B 34 -14.81 -15.92 -12.12
N LYS B 35 -13.90 -16.21 -11.18
CA LYS B 35 -13.58 -15.30 -10.08
C LYS B 35 -12.08 -15.00 -10.11
N GLY B 36 -11.73 -13.72 -10.09
CA GLY B 36 -10.34 -13.35 -9.98
C GLY B 36 -10.08 -12.67 -8.65
N THR B 37 -8.88 -12.84 -8.11
CA THR B 37 -8.50 -12.12 -6.90
C THR B 37 -7.15 -11.46 -7.09
N PHE B 38 -6.97 -10.30 -6.47
CA PHE B 38 -5.67 -9.66 -6.37
C PHE B 38 -5.52 -9.09 -4.94
N LEU B 39 -4.30 -8.70 -4.57
CA LEU B 39 -4.05 -8.16 -3.24
C LEU B 39 -3.99 -6.65 -3.31
N GLY B 40 -4.39 -6.00 -2.21
CA GLY B 40 -4.40 -4.55 -2.14
C GLY B 40 -3.00 -3.97 -2.30
N PRO B 41 -2.86 -2.88 -3.05
CA PRO B 41 -1.52 -2.30 -3.22
C PRO B 41 -0.91 -1.77 -1.90
N PRO B 42 0.42 -1.91 -1.73
CA PRO B 42 1.04 -1.44 -0.49
C PRO B 42 1.05 0.09 -0.43
N GLY B 43 1.07 0.63 0.78
CA GLY B 43 1.12 2.07 0.99
C GLY B 43 -0.20 2.74 0.72
N THR B 44 -1.28 1.95 0.69
CA THR B 44 -2.63 2.48 0.47
C THR B 44 -3.54 1.87 1.54
N PRO B 45 -4.74 2.45 1.72
CA PRO B 45 -5.67 1.93 2.74
C PRO B 45 -6.21 0.52 2.42
N TYR B 46 -5.87 0.00 1.25
CA TYR B 46 -6.30 -1.33 0.87
C TYR B 46 -5.24 -2.42 1.14
N GLU B 47 -4.08 -2.05 1.65
CA GLU B 47 -3.05 -3.05 1.90
C GLU B 47 -3.53 -4.10 2.90
N GLY B 48 -3.16 -5.36 2.65
CA GLY B 48 -3.55 -6.44 3.54
C GLY B 48 -4.85 -7.08 3.08
N GLY B 49 -5.59 -6.39 2.23
CA GLY B 49 -6.82 -6.98 1.75
C GLY B 49 -6.64 -7.83 0.50
N LYS B 50 -7.47 -8.85 0.39
CA LYS B 50 -7.53 -9.66 -0.81
C LYS B 50 -8.90 -9.44 -1.43
N PHE B 51 -8.91 -8.95 -2.66
CA PHE B 51 -10.15 -8.55 -3.32
C PHE B 51 -10.63 -9.54 -4.37
N VAL B 52 -11.92 -9.86 -4.31
CA VAL B 52 -12.54 -10.85 -5.20
C VAL B 52 -13.38 -10.15 -6.27
N VAL B 53 -13.11 -10.49 -7.53
CA VAL B 53 -13.76 -9.86 -8.67
C VAL B 53 -14.47 -10.91 -9.52
N ASP B 54 -15.78 -10.73 -9.67
CA ASP B 54 -16.58 -11.64 -10.46
C ASP B 54 -16.35 -11.30 -11.93
N ILE B 55 -16.10 -12.32 -12.74
CA ILE B 55 -15.79 -12.11 -14.16
C ILE B 55 -16.77 -12.89 -15.02
N GLU B 56 -17.47 -12.18 -15.89
CA GLU B 56 -18.30 -12.82 -16.91
C GLU B 56 -17.74 -12.47 -18.27
N VAL B 57 -17.19 -13.46 -18.97
CA VAL B 57 -16.64 -13.19 -20.29
C VAL B 57 -17.70 -13.47 -21.36
N PRO B 58 -17.84 -12.58 -22.34
CA PRO B 58 -18.79 -12.67 -23.45
C PRO B 58 -18.44 -13.75 -24.48
N MET B 59 -19.42 -14.12 -25.29
CA MET B 59 -19.24 -15.16 -26.30
C MET B 59 -18.17 -14.70 -27.27
N GLU B 60 -18.04 -13.39 -27.39
CA GLU B 60 -17.13 -12.82 -28.36
C GLU B 60 -15.75 -12.52 -27.83
N TYR B 61 -15.52 -12.86 -26.57
CA TYR B 61 -14.19 -12.76 -25.97
C TYR B 61 -13.22 -13.52 -26.88
N PRO B 62 -11.98 -13.00 -27.05
CA PRO B 62 -11.37 -11.79 -26.49
C PRO B 62 -11.56 -10.46 -27.23
N PHE B 63 -12.55 -10.37 -28.12
CA PHE B 63 -12.72 -9.14 -28.91
C PHE B 63 -13.75 -8.18 -28.32
N LYS B 64 -14.47 -8.65 -27.32
CA LYS B 64 -15.21 -7.78 -26.42
C LYS B 64 -14.74 -7.93 -24.98
N PRO B 65 -14.78 -6.84 -24.20
CA PRO B 65 -14.33 -6.89 -22.81
C PRO B 65 -15.13 -7.81 -21.91
N PRO B 66 -14.53 -8.25 -20.81
CA PRO B 66 -15.20 -9.13 -19.84
C PRO B 66 -15.97 -8.21 -18.91
N LYS B 67 -17.04 -8.71 -18.29
CA LYS B 67 -17.73 -7.90 -17.30
C LYS B 67 -17.17 -8.21 -15.92
N MET B 68 -16.58 -7.21 -15.28
CA MET B 68 -15.93 -7.42 -14.00
C MET B 68 -16.62 -6.59 -12.92
N GLN B 69 -16.87 -7.21 -11.77
CA GLN B 69 -17.57 -6.56 -10.67
C GLN B 69 -17.02 -7.15 -9.39
N PHE B 70 -16.60 -6.29 -8.48
CA PHE B 70 -16.15 -6.71 -7.15
C PHE B 70 -17.23 -7.48 -6.37
N ASP B 71 -16.90 -8.70 -5.91
CA ASP B 71 -17.73 -9.38 -4.92
C ASP B 71 -17.41 -8.78 -3.56
N THR B 72 -16.13 -8.56 -3.33
CA THR B 72 -15.65 -7.88 -2.12
C THR B 72 -16.25 -6.47 -2.10
N LYS B 73 -16.87 -6.09 -1.01
CA LYS B 73 -17.43 -4.76 -0.86
C LYS B 73 -16.28 -3.77 -0.61
N VAL B 74 -16.17 -2.74 -1.45
CA VAL B 74 -15.00 -1.87 -1.41
C VAL B 74 -15.39 -0.40 -1.39
N TYR B 75 -14.64 0.39 -0.63
CA TYR B 75 -14.89 1.81 -0.49
C TYR B 75 -13.89 2.59 -1.35
N HIS B 76 -14.33 3.00 -2.54
CA HIS B 76 -13.44 3.59 -3.52
C HIS B 76 -14.25 4.45 -4.50
N PRO B 77 -13.74 5.62 -4.87
CA PRO B 77 -14.45 6.51 -5.81
C PRO B 77 -14.98 5.86 -7.10
N ASN B 78 -14.23 4.90 -7.65
CA ASN B 78 -14.56 4.30 -8.96
C ASN B 78 -15.13 2.88 -8.88
N ILE B 79 -15.60 2.51 -7.69
CA ILE B 79 -16.24 1.22 -7.43
C ILE B 79 -17.49 1.47 -6.60
N SER B 80 -18.62 0.92 -7.03
CA SER B 80 -19.86 1.05 -6.28
C SER B 80 -19.72 0.36 -4.93
N SER B 81 -19.96 1.11 -3.87
CA SER B 81 -19.90 0.55 -2.53
C SER B 81 -21.02 -0.46 -2.28
N VAL B 82 -21.99 -0.49 -3.20
CA VAL B 82 -23.17 -1.32 -3.06
C VAL B 82 -23.16 -2.54 -3.97
N THR B 83 -22.87 -2.34 -5.26
CA THR B 83 -22.95 -3.43 -6.22
C THR B 83 -21.60 -3.94 -6.71
N GLY B 84 -20.54 -3.15 -6.54
CA GLY B 84 -19.23 -3.55 -7.01
C GLY B 84 -18.98 -3.25 -8.47
N ALA B 85 -19.89 -2.51 -9.11
CA ALA B 85 -19.69 -2.07 -10.48
C ALA B 85 -18.47 -1.17 -10.56
N ILE B 86 -17.76 -1.27 -11.67
CA ILE B 86 -16.45 -0.61 -11.82
C ILE B 86 -16.47 0.45 -12.91
N CYS B 87 -15.76 1.55 -12.68
CA CYS B 87 -15.62 2.57 -13.73
C CYS B 87 -14.21 2.56 -14.30
N LEU B 88 -14.05 1.93 -15.46
CA LEU B 88 -12.72 1.73 -16.02
C LEU B 88 -12.77 1.63 -17.53
N ASP B 89 -11.88 2.37 -18.20
CA ASP B 89 -11.95 2.54 -19.65
C ASP B 89 -11.86 1.25 -20.45
N ILE B 90 -10.93 0.39 -20.06
CA ILE B 90 -10.67 -0.84 -20.80
C ILE B 90 -11.82 -1.82 -20.71
N LEU B 91 -12.67 -1.63 -19.69
CA LEU B 91 -13.85 -2.47 -19.55
C LEU B 91 -15.05 -1.90 -20.32
N LYS B 92 -14.87 -0.72 -20.89
CA LYS B 92 -15.94 -0.07 -21.65
C LYS B 92 -15.61 -0.02 -23.14
N ASN B 93 -14.92 1.01 -23.61
CA ASN B 93 -14.62 1.15 -25.03
C ASN B 93 -13.14 1.01 -25.39
N ALA B 94 -12.27 0.87 -24.39
CA ALA B 94 -10.84 0.83 -24.65
C ALA B 94 -10.24 -0.56 -24.51
N TRP B 95 -11.06 -1.58 -24.74
CA TRP B 95 -10.57 -2.97 -24.63
C TRP B 95 -9.73 -3.35 -25.84
N SER B 96 -8.78 -4.26 -25.60
CA SER B 96 -7.96 -4.85 -26.66
C SER B 96 -7.76 -6.34 -26.31
N PRO B 97 -7.67 -7.21 -27.32
CA PRO B 97 -7.49 -8.64 -27.01
C PRO B 97 -6.09 -8.93 -26.43
N VAL B 98 -5.21 -7.93 -26.46
CA VAL B 98 -3.85 -8.11 -25.93
C VAL B 98 -3.87 -7.99 -24.41
N ILE B 99 -4.96 -7.44 -23.89
CA ILE B 99 -5.19 -7.41 -22.46
C ILE B 99 -5.64 -8.79 -21.99
N THR B 100 -5.02 -9.32 -20.94
CA THR B 100 -5.45 -10.58 -20.35
C THR B 100 -6.29 -10.30 -19.10
N LEU B 101 -6.99 -11.32 -18.58
CA LEU B 101 -7.71 -11.19 -17.34
C LEU B 101 -6.73 -10.91 -16.21
N LYS B 102 -5.52 -11.47 -16.32
CA LYS B 102 -4.47 -11.18 -15.34
C LYS B 102 -4.16 -9.68 -15.31
N SER B 103 -3.94 -9.08 -16.48
CA SER B 103 -3.55 -7.69 -16.51
C SER B 103 -4.73 -6.74 -16.24
N ALA B 104 -5.94 -7.17 -16.58
CA ALA B 104 -7.13 -6.40 -16.25
C ALA B 104 -7.23 -6.35 -14.72
N LEU B 105 -6.96 -7.49 -14.08
CA LEU B 105 -6.94 -7.57 -12.62
C LEU B 105 -5.86 -6.70 -12.00
N ILE B 106 -4.69 -6.71 -12.63
CA ILE B 106 -3.62 -5.82 -12.23
C ILE B 106 -4.03 -4.34 -12.38
N SER B 107 -4.85 -4.02 -13.38
CA SER B 107 -5.25 -2.63 -13.56
C SER B 107 -6.26 -2.18 -12.49
N LEU B 108 -7.00 -3.15 -11.92
CA LEU B 108 -7.87 -2.86 -10.78
C LEU B 108 -7.03 -2.55 -9.54
N GLN B 109 -5.91 -3.25 -9.41
CA GLN B 109 -4.99 -3.06 -8.31
C GLN B 109 -4.47 -1.63 -8.41
N ALA B 110 -4.24 -1.18 -9.65
CA ALA B 110 -3.69 0.15 -9.92
C ALA B 110 -4.75 1.21 -9.65
N LEU B 111 -6.00 0.87 -9.98
CA LEU B 111 -7.12 1.76 -9.75
C LEU B 111 -7.27 2.05 -8.24
N LEU B 112 -7.16 1.00 -7.42
CA LEU B 112 -7.16 1.18 -5.95
C LEU B 112 -6.05 2.12 -5.52
N GLN B 113 -4.87 1.97 -6.11
CA GLN B 113 -3.76 2.86 -5.80
C GLN B 113 -3.97 4.29 -6.25
N SER B 114 -4.62 4.48 -7.40
CA SER B 114 -4.80 5.83 -7.93
C SER B 114 -6.26 6.15 -8.27
N PRO B 115 -7.07 6.52 -7.25
CA PRO B 115 -8.48 6.85 -7.43
C PRO B 115 -8.64 7.98 -8.44
N GLU B 116 -9.74 7.95 -9.20
CA GLU B 116 -10.05 9.02 -10.16
C GLU B 116 -11.42 9.55 -9.79
N PRO B 117 -11.49 10.38 -8.73
CA PRO B 117 -12.65 11.04 -8.12
C PRO B 117 -13.51 11.85 -9.09
N ASN B 118 -12.90 12.35 -10.16
CA ASN B 118 -13.60 13.22 -11.08
C ASN B 118 -14.27 12.45 -12.20
N ASP B 119 -14.02 11.14 -12.27
CA ASP B 119 -14.86 10.25 -13.07
C ASP B 119 -15.31 9.09 -12.18
N PRO B 120 -16.35 9.36 -11.35
CA PRO B 120 -17.03 8.52 -10.36
C PRO B 120 -17.91 7.37 -10.79
N GLN B 121 -17.79 6.25 -10.08
CA GLN B 121 -18.81 5.18 -10.14
C GLN B 121 -19.77 5.41 -8.97
N ASP B 122 -19.22 5.83 -7.82
CA ASP B 122 -20.01 6.03 -6.59
C ASP B 122 -19.96 7.50 -6.17
N ALA B 123 -21.05 8.24 -6.42
CA ALA B 123 -21.06 9.67 -6.18
C ALA B 123 -20.69 10.05 -4.75
N GLU B 124 -21.36 9.42 -3.79
CA GLU B 124 -21.20 9.70 -2.37
C GLU B 124 -19.75 9.43 -1.92
N VAL B 125 -19.19 8.28 -2.32
CA VAL B 125 -17.81 7.96 -1.96
C VAL B 125 -16.81 8.95 -2.55
N ALA B 126 -17.03 9.33 -3.80
CA ALA B 126 -16.12 10.26 -4.46
C ALA B 126 -16.17 11.61 -3.77
N GLN B 127 -17.36 12.00 -3.30
CA GLN B 127 -17.48 13.24 -2.54
C GLN B 127 -16.65 13.17 -1.26
N HIS B 128 -16.68 12.01 -0.61
CA HIS B 128 -15.94 11.79 0.63
C HIS B 128 -14.44 11.92 0.38
N TYR B 129 -13.97 11.33 -0.72
CA TYR B 129 -12.56 11.31 -1.08
C TYR B 129 -12.06 12.73 -1.38
N LEU B 130 -12.87 13.48 -2.10
CA LEU B 130 -12.56 14.88 -2.42
C LEU B 130 -12.62 15.77 -1.18
N ARG B 131 -13.63 15.56 -0.33
CA ARG B 131 -13.83 16.42 0.83
C ARG B 131 -12.85 16.24 1.97
N ASP B 132 -12.43 15.01 2.23
CA ASP B 132 -11.59 14.73 3.38
C ASP B 132 -10.78 13.46 3.10
N ARG B 133 -9.65 13.60 2.41
CA ARG B 133 -8.95 12.44 1.90
C ARG B 133 -8.46 11.53 3.02
N GLU B 134 -8.05 12.11 4.16
CA GLU B 134 -7.72 11.30 5.35
C GLU B 134 -8.91 10.54 5.90
N SER B 135 -10.06 11.20 5.99
CA SER B 135 -11.28 10.56 6.46
C SER B 135 -11.67 9.43 5.50
N PHE B 136 -11.51 9.68 4.21
CA PHE B 136 -11.79 8.65 3.23
C PHE B 136 -10.90 7.46 3.50
N ASN B 137 -9.59 7.72 3.63
CA ASN B 137 -8.65 6.62 3.79
C ASN B 137 -8.93 5.79 5.04
N LYS B 138 -9.29 6.43 6.15
CA LYS B 138 -9.68 5.68 7.34
C LYS B 138 -10.84 4.72 7.08
N THR B 139 -11.82 5.17 6.31
CA THR B 139 -12.99 4.35 6.03
C THR B 139 -12.61 3.23 5.03
N ALA B 140 -11.76 3.58 4.07
CA ALA B 140 -11.33 2.59 3.07
C ALA B 140 -10.57 1.44 3.76
N ALA B 141 -9.72 1.79 4.72
CA ALA B 141 -8.98 0.80 5.51
C ALA B 141 -9.94 -0.06 6.35
N LEU B 142 -10.95 0.58 6.94
CA LEU B 142 -11.96 -0.13 7.71
C LEU B 142 -12.65 -1.20 6.86
N TRP B 143 -13.13 -0.81 5.68
CA TRP B 143 -13.82 -1.74 4.78
C TRP B 143 -12.88 -2.83 4.30
N THR B 144 -11.61 -2.48 4.15
CA THR B 144 -10.62 -3.48 3.76
C THR B 144 -10.51 -4.55 4.86
N ARG B 145 -10.40 -4.12 6.11
CA ARG B 145 -10.44 -5.02 7.26
C ARG B 145 -11.74 -5.80 7.36
N LEU B 146 -12.87 -5.11 7.33
CA LEU B 146 -14.15 -5.78 7.51
C LEU B 146 -14.50 -6.78 6.41
N TYR B 147 -14.24 -6.42 5.15
CA TYR B 147 -14.72 -7.21 4.02
C TYR B 147 -13.65 -7.91 3.15
N ALA B 148 -12.39 -7.54 3.33
CA ALA B 148 -11.34 -8.14 2.51
C ALA B 148 -10.36 -8.92 3.41
N SER B 149 -10.65 -9.02 4.71
CA SER B 149 -9.79 -9.78 5.64
C SER B 149 -10.20 -11.24 5.72
#